data_8IKJ
#
_entry.id   8IKJ
#
_cell.length_a   1.00
_cell.length_b   1.00
_cell.length_c   1.00
_cell.angle_alpha   90.00
_cell.angle_beta   90.00
_cell.angle_gamma   90.00
#
_symmetry.space_group_name_H-M   'P 1'
#
loop_
_entity.id
_entity.type
_entity.pdbx_description
1 polymer 'Adhesion G protein-coupled receptor E5,Soluble cytochrome b562,Adhesion G protein-coupled receptor E5 subunit beta'
2 non-polymer 2-acetamido-2-deoxy-beta-D-glucopyranose
#
_entity_poly.entity_id   1
_entity_poly.type   'polypeptide(L)'
_entity_poly.pdbx_seq_one_letter_code
;EDMTFSTWTPPPGVHSQTLSRFFDKVQDLGRDSKTSSAEVTIQNVIKLVDELMEAPGDVEALAPPVRHLIATQLLSNLED
IMRILAKSLPKGPFTYISPSNTELTLMIQERGDKNVTMGQSSARMKLNWAVAAGAEDPGPAVAGILSIQNMTTLLANASL
NLHSKKQAELEEIYESSIRGVQLRRLSAVNSIFLSHNNTKELNSPILFAFSHLESSDGEAGRDPPAKDVMPGPRQELLCA
FWKSDSDRGGHWATEGCQVLGSKNGSTTCQCSSLSSFAILMAHYDVEDWKLTLITRVGLALSLFCLLLCILTFLLVRPIQ
GSRTTIHLHLCICLFVGSTIFLAGIENEGGQVGLRCRLVAGLLHYCFLAAFCWMSLEGLELYFLVVRVFQGQGLSTRWLC
LIGYGVPLLIVGVSAAIYSKGYGRPRYCWLDFEQGFLWSFLGPVTFIILCNAVIFVTTVWKLTQLAADLEDNWETLNDNL
KVIEKADNAAQVKDALTKMRAAALDAQKATPPKLEDKSPDSPEMKDFRHGFDILVGQIDDALKLANEGKVKEAQAAAEQL
KTTRNAYIQKYLERARSTLQKARALTITAIAQLFLLGCTWVFGLFIFDDRSLVLTYVFTILNCLQGAFLYLLHCLLNKKV
REEYRKWACLVAGGS
;
_entity_poly.pdbx_strand_id   R
#
loop_
_chem_comp.id
_chem_comp.type
_chem_comp.name
_chem_comp.formula
NAG D-saccharide, beta linking 2-acetamido-2-deoxy-beta-D-glucopyranose 'C8 H15 N O6'
#
# COMPACT_ATOMS: atom_id res chain seq x y z
N ASP A 2 -43.60 34.44 1.49
CA ASP A 2 -42.23 34.24 1.02
C ASP A 2 -42.22 33.70 -0.40
N MET A 3 -41.02 33.49 -0.94
CA MET A 3 -40.89 33.00 -2.29
C MET A 3 -41.29 31.53 -2.38
N THR A 4 -41.55 31.07 -3.61
CA THR A 4 -42.00 29.70 -3.81
C THR A 4 -40.90 28.71 -3.45
N PHE A 5 -41.26 27.68 -2.69
CA PHE A 5 -40.32 26.66 -2.26
C PHE A 5 -40.29 25.51 -3.26
N SER A 6 -39.13 24.85 -3.33
CA SER A 6 -39.00 23.69 -4.20
C SER A 6 -39.72 22.49 -3.60
N THR A 7 -40.37 21.71 -4.45
CA THR A 7 -41.03 20.49 -4.03
C THR A 7 -40.00 19.37 -3.95
N TRP A 8 -39.89 18.75 -2.77
CA TRP A 8 -38.90 17.70 -2.53
C TRP A 8 -39.52 16.35 -2.89
N THR A 9 -38.90 15.66 -3.84
CA THR A 9 -39.41 14.40 -4.34
C THR A 9 -38.35 13.33 -4.23
N PRO A 10 -38.74 12.06 -4.05
CA PRO A 10 -37.77 10.97 -4.09
C PRO A 10 -37.23 10.78 -5.51
N PRO A 11 -36.07 10.13 -5.65
CA PRO A 11 -35.59 9.80 -6.98
C PRO A 11 -36.56 8.88 -7.69
N PRO A 12 -36.67 9.00 -9.02
CA PRO A 12 -37.63 8.16 -9.75
C PRO A 12 -37.33 6.67 -9.57
N GLY A 13 -38.38 5.88 -9.46
CA GLY A 13 -38.24 4.45 -9.28
C GLY A 13 -37.94 4.00 -7.86
N VAL A 14 -37.93 4.91 -6.89
CA VAL A 14 -37.57 4.61 -5.51
C VAL A 14 -38.84 4.57 -4.68
N HIS A 15 -39.01 3.50 -3.90
CA HIS A 15 -40.13 3.34 -2.98
C HIS A 15 -39.59 3.12 -1.59
N SER A 16 -39.99 3.98 -0.65
CA SER A 16 -39.61 3.83 0.75
C SER A 16 -40.62 4.59 1.59
N GLN A 17 -41.24 3.90 2.55
CA GLN A 17 -42.27 4.53 3.38
C GLN A 17 -41.68 5.60 4.29
N THR A 18 -40.53 5.31 4.91
CA THR A 18 -39.92 6.28 5.82
C THR A 18 -39.50 7.56 5.09
N LEU A 19 -38.90 7.41 3.91
CA LEU A 19 -38.54 8.58 3.12
C LEU A 19 -39.77 9.36 2.69
N SER A 20 -40.86 8.66 2.33
CA SER A 20 -42.09 9.36 1.99
C SER A 20 -42.64 10.12 3.20
N ARG A 21 -42.52 9.53 4.39
CA ARG A 21 -42.92 10.24 5.61
C ARG A 21 -42.08 11.47 5.83
N PHE A 22 -40.80 11.41 5.46
CA PHE A 22 -39.93 12.57 5.64
C PHE A 22 -40.30 13.67 4.65
N PHE A 23 -40.50 13.29 3.38
CA PHE A 23 -40.78 14.30 2.37
C PHE A 23 -42.15 14.92 2.57
N ASP A 24 -43.12 14.16 3.07
CA ASP A 24 -44.45 14.73 3.29
C ASP A 24 -44.38 15.84 4.34
N LYS A 25 -43.62 15.61 5.40
CA LYS A 25 -43.42 16.66 6.40
C LYS A 25 -42.63 17.83 5.83
N VAL A 26 -41.70 17.55 4.92
CA VAL A 26 -40.94 18.64 4.31
C VAL A 26 -41.87 19.53 3.48
N GLN A 27 -42.74 18.90 2.69
CA GLN A 27 -43.68 19.64 1.85
C GLN A 27 -44.66 20.42 2.70
N ASP A 28 -45.18 19.81 3.78
CA ASP A 28 -46.12 20.51 4.63
C ASP A 28 -45.47 21.69 5.35
N LEU A 29 -44.23 21.51 5.81
CA LEU A 29 -43.49 22.60 6.44
C LEU A 29 -43.24 23.74 5.47
N GLY A 30 -42.84 23.42 4.24
CA GLY A 30 -42.68 24.47 3.23
C GLY A 30 -43.99 25.15 2.87
N ARG A 31 -45.09 24.41 2.91
CA ARG A 31 -46.41 25.00 2.71
C ARG A 31 -46.74 25.98 3.84
N ASP A 32 -46.40 25.63 5.07
CA ASP A 32 -46.80 26.42 6.24
C ASP A 32 -45.67 27.31 6.75
N SER A 33 -44.58 27.45 6.01
CA SER A 33 -43.46 28.26 6.45
C SER A 33 -43.82 29.75 6.45
N LYS A 34 -43.18 30.49 7.35
CA LYS A 34 -43.37 31.94 7.43
C LYS A 34 -42.06 32.66 7.10
N THR A 35 -42.20 33.92 6.69
CA THR A 35 -41.02 34.71 6.34
C THR A 35 -40.11 34.92 7.53
N SER A 36 -40.68 35.22 8.70
CA SER A 36 -39.89 35.36 9.92
C SER A 36 -39.38 34.01 10.41
N SER A 37 -40.00 32.92 9.99
CA SER A 37 -39.60 31.57 10.36
C SER A 37 -38.81 30.86 9.27
N ALA A 38 -38.29 31.60 8.29
CA ALA A 38 -37.52 30.98 7.22
C ALA A 38 -36.27 30.31 7.77
N GLU A 39 -35.52 31.00 8.64
CA GLU A 39 -34.40 30.36 9.30
C GLU A 39 -34.86 29.30 10.29
N VAL A 40 -36.07 29.47 10.85
CA VAL A 40 -36.68 28.41 11.61
C VAL A 40 -37.05 27.26 10.69
N THR A 41 -37.53 27.57 9.48
CA THR A 41 -37.89 26.51 8.54
C THR A 41 -36.67 25.69 8.16
N ILE A 42 -35.52 26.37 7.96
CA ILE A 42 -34.26 25.70 7.66
C ILE A 42 -33.85 24.79 8.81
N GLN A 43 -33.94 25.29 10.04
CA GLN A 43 -33.60 24.44 11.18
C GLN A 43 -34.56 23.27 11.32
N ASN A 44 -35.85 23.50 11.06
CA ASN A 44 -36.83 22.42 11.14
C ASN A 44 -36.55 21.34 10.10
N VAL A 45 -36.18 21.75 8.88
CA VAL A 45 -35.78 20.80 7.84
C VAL A 45 -34.54 20.02 8.27
N ILE A 46 -33.57 20.70 8.87
CA ILE A 46 -32.39 20.01 9.40
C ILE A 46 -32.77 19.00 10.48
N LYS A 47 -33.68 19.37 11.37
CA LYS A 47 -34.19 18.43 12.37
C LYS A 47 -34.95 17.25 11.75
N LEU A 48 -35.71 17.51 10.68
CA LEU A 48 -36.33 16.40 9.95
C LEU A 48 -35.29 15.47 9.32
N VAL A 49 -34.18 16.03 8.83
CA VAL A 49 -33.08 15.20 8.38
C VAL A 49 -32.52 14.39 9.55
N ASP A 50 -32.43 15.03 10.72
CA ASP A 50 -31.85 14.36 11.87
C ASP A 50 -32.71 13.18 12.27
N GLU A 51 -34.04 13.38 12.23
CA GLU A 51 -34.96 12.30 12.58
C GLU A 51 -34.89 11.18 11.54
N LEU A 52 -34.74 11.54 10.27
CA LEU A 52 -34.64 10.53 9.22
C LEU A 52 -33.40 9.67 9.40
N MET A 53 -32.29 10.30 9.79
CA MET A 53 -31.11 9.52 10.17
C MET A 53 -31.38 8.68 11.41
N GLU A 54 -32.09 9.22 12.39
CA GLU A 54 -32.37 8.50 13.61
C GLU A 54 -33.39 7.40 13.41
N ALA A 55 -34.11 7.41 12.29
CA ALA A 55 -35.06 6.35 11.94
C ALA A 55 -34.72 5.89 10.53
N PRO A 56 -33.68 5.08 10.37
CA PRO A 56 -33.28 4.62 9.03
C PRO A 56 -34.35 3.82 8.32
N GLY A 57 -35.14 3.04 9.06
CA GLY A 57 -36.26 2.34 8.44
C GLY A 57 -35.81 1.35 7.39
N ASP A 58 -36.49 1.37 6.25
CA ASP A 58 -36.23 0.43 5.16
C ASP A 58 -35.29 1.00 4.10
N VAL A 59 -34.64 2.13 4.37
CA VAL A 59 -33.71 2.71 3.41
C VAL A 59 -32.54 1.77 3.16
N GLU A 60 -32.00 1.18 4.23
CA GLU A 60 -30.87 0.26 4.10
C GLU A 60 -31.22 -0.97 3.28
N ALA A 61 -32.49 -1.34 3.19
CA ALA A 61 -32.91 -2.46 2.36
C ALA A 61 -32.74 -2.18 0.87
N LEU A 62 -32.49 -0.93 0.48
CA LEU A 62 -32.36 -0.57 -0.91
C LEU A 62 -30.93 -0.86 -1.40
N ALA A 63 -30.75 -0.79 -2.71
CA ALA A 63 -29.42 -0.98 -3.28
C ALA A 63 -28.52 0.21 -2.93
N PRO A 64 -27.22 -0.04 -2.76
CA PRO A 64 -26.29 1.05 -2.45
C PRO A 64 -26.32 2.16 -3.48
N PRO A 65 -26.38 1.87 -4.79
CA PRO A 65 -26.49 3.00 -5.75
C PRO A 65 -27.75 3.84 -5.56
N VAL A 66 -28.86 3.19 -5.19
CA VAL A 66 -30.08 3.92 -4.86
C VAL A 66 -29.90 4.76 -3.60
N ARG A 67 -29.26 4.20 -2.58
CA ARG A 67 -29.07 4.95 -1.34
C ARG A 67 -28.15 6.15 -1.56
N HIS A 68 -27.08 5.97 -2.35
CA HIS A 68 -26.20 7.08 -2.67
C HIS A 68 -26.92 8.14 -3.49
N LEU A 69 -27.78 7.72 -4.43
CA LEU A 69 -28.55 8.67 -5.21
C LEU A 69 -29.50 9.46 -4.31
N ILE A 70 -30.11 8.79 -3.34
CA ILE A 70 -30.99 9.46 -2.39
C ILE A 70 -30.19 10.47 -1.56
N ALA A 71 -29.02 10.08 -1.09
CA ALA A 71 -28.20 11.00 -0.29
C ALA A 71 -27.76 12.22 -1.10
N THR A 72 -27.39 12.00 -2.36
CA THR A 72 -27.07 13.12 -3.24
C THR A 72 -28.28 14.02 -3.46
N GLN A 73 -29.45 13.43 -3.64
CA GLN A 73 -30.65 14.24 -3.84
C GLN A 73 -30.95 15.06 -2.59
N LEU A 74 -30.79 14.44 -1.42
CA LEU A 74 -31.11 15.12 -0.17
C LEU A 74 -30.17 16.29 0.06
N LEU A 75 -28.87 16.09 -0.15
CA LEU A 75 -27.93 17.19 0.05
C LEU A 75 -28.13 18.29 -0.99
N SER A 76 -28.47 17.92 -2.24
CA SER A 76 -28.75 18.93 -3.24
C SER A 76 -30.00 19.73 -2.90
N ASN A 77 -31.05 19.05 -2.45
CA ASN A 77 -32.27 19.76 -2.05
C ASN A 77 -32.01 20.67 -0.85
N LEU A 78 -31.19 20.21 0.10
CA LEU A 78 -30.86 21.06 1.24
C LEU A 78 -30.12 22.31 0.79
N GLU A 79 -29.19 22.17 -0.15
CA GLU A 79 -28.52 23.33 -0.71
C GLU A 79 -29.51 24.25 -1.40
N ASP A 80 -30.47 23.67 -2.13
CA ASP A 80 -31.44 24.48 -2.86
C ASP A 80 -32.32 25.27 -1.90
N ILE A 81 -32.81 24.62 -0.84
CA ILE A 81 -33.71 25.31 0.07
C ILE A 81 -32.95 26.36 0.87
N MET A 82 -31.69 26.11 1.21
CA MET A 82 -30.92 27.12 1.93
C MET A 82 -30.65 28.31 1.02
N ARG A 83 -30.37 28.05 -0.27
CA ARG A 83 -30.14 29.16 -1.19
C ARG A 83 -31.42 29.98 -1.35
N ILE A 84 -32.56 29.29 -1.45
CA ILE A 84 -33.83 29.98 -1.69
C ILE A 84 -34.18 30.88 -0.52
N LEU A 85 -34.06 30.35 0.70
CA LEU A 85 -34.40 31.15 1.87
C LEU A 85 -33.27 32.09 2.28
N ALA A 86 -32.10 31.99 1.66
CA ALA A 86 -31.00 32.89 1.97
C ALA A 86 -31.32 34.33 1.60
N LYS A 87 -31.94 34.54 0.42
CA LYS A 87 -32.34 35.88 0.03
C LYS A 87 -33.49 36.40 0.87
N SER A 88 -34.20 35.52 1.59
CA SER A 88 -35.29 35.96 2.46
C SER A 88 -34.78 36.48 3.80
N LEU A 89 -33.48 36.36 4.08
CA LEU A 89 -32.86 36.77 5.32
C LEU A 89 -32.04 38.05 5.11
N PRO A 90 -31.92 38.89 6.14
CA PRO A 90 -31.08 40.09 6.02
C PRO A 90 -29.60 39.75 6.02
N LYS A 91 -28.79 40.76 5.73
CA LYS A 91 -27.34 40.59 5.69
C LYS A 91 -26.81 40.22 7.07
N GLY A 92 -25.77 39.39 7.09
CA GLY A 92 -25.20 38.95 8.35
C GLY A 92 -24.99 37.46 8.40
N PRO A 93 -24.23 37.02 9.40
CA PRO A 93 -24.01 35.58 9.60
C PRO A 93 -25.23 34.92 10.25
N PHE A 94 -25.39 33.63 9.95
CA PHE A 94 -26.44 32.82 10.57
C PHE A 94 -25.85 31.47 10.94
N THR A 95 -25.65 31.23 12.24
CA THR A 95 -25.04 29.98 12.69
C THR A 95 -26.01 29.26 13.61
N TYR A 96 -26.28 27.99 13.31
CA TYR A 96 -27.18 27.18 14.11
C TYR A 96 -26.61 25.79 14.31
N ILE A 97 -26.77 25.26 15.52
CA ILE A 97 -26.37 23.91 15.86
C ILE A 97 -27.61 23.12 16.25
N SER A 98 -27.85 22.00 15.59
CA SER A 98 -29.00 21.18 15.88
C SER A 98 -28.84 20.50 17.24
N PRO A 99 -29.94 20.10 17.88
CA PRO A 99 -29.80 19.22 19.05
C PRO A 99 -29.20 17.86 18.71
N SER A 100 -29.28 17.44 17.45
CA SER A 100 -28.54 16.28 16.96
C SER A 100 -27.13 16.65 16.48
N ASN A 101 -26.64 17.84 16.84
CA ASN A 101 -25.27 18.27 16.55
C ASN A 101 -24.99 18.38 15.05
N THR A 102 -25.91 19.03 14.33
CA THR A 102 -25.70 19.40 12.93
C THR A 102 -25.40 20.89 12.89
N GLU A 103 -24.24 21.26 12.35
CA GLU A 103 -23.83 22.66 12.31
C GLU A 103 -24.10 23.27 10.94
N LEU A 104 -24.74 24.44 10.92
CA LEU A 104 -24.93 25.16 9.68
C LEU A 104 -24.52 26.61 9.84
N THR A 105 -23.72 27.11 8.89
CA THR A 105 -23.22 28.47 8.87
C THR A 105 -23.65 29.11 7.55
N LEU A 106 -24.22 30.30 7.63
CA LEU A 106 -24.60 31.10 6.48
C LEU A 106 -23.97 32.47 6.64
N MET A 107 -23.83 33.18 5.53
CA MET A 107 -23.19 34.49 5.61
C MET A 107 -23.69 35.31 4.43
N ILE A 108 -24.20 36.52 4.71
CA ILE A 108 -24.75 37.38 3.68
C ILE A 108 -24.03 38.72 3.72
N GLN A 109 -23.41 39.10 2.60
CA GLN A 109 -22.66 40.34 2.47
C GLN A 109 -22.87 40.90 1.07
N GLU A 110 -22.51 42.17 0.90
CA GLU A 110 -22.62 42.80 -0.41
C GLU A 110 -21.52 42.29 -1.35
N ARG A 111 -21.66 42.63 -2.62
CA ARG A 111 -20.67 42.23 -3.62
C ARG A 111 -19.33 42.90 -3.35
N GLY A 112 -18.26 42.12 -3.41
CA GLY A 112 -16.92 42.64 -3.18
C GLY A 112 -15.90 41.53 -3.37
N ASP A 113 -14.63 41.94 -3.33
CA ASP A 113 -13.52 41.01 -3.52
C ASP A 113 -12.72 40.80 -2.23
N LYS A 114 -13.34 41.05 -1.08
CA LYS A 114 -12.65 40.88 0.19
C LYS A 114 -12.42 39.40 0.49
N ASN A 115 -11.23 39.08 1.00
CA ASN A 115 -10.96 37.72 1.46
C ASN A 115 -11.72 37.47 2.75
N VAL A 116 -12.66 36.54 2.73
CA VAL A 116 -13.59 36.31 3.83
C VAL A 116 -13.33 34.93 4.39
N THR A 117 -13.11 34.86 5.71
CA THR A 117 -12.83 33.60 6.40
C THR A 117 -13.96 33.34 7.39
N MET A 118 -14.81 32.37 7.08
CA MET A 118 -15.97 32.03 7.90
C MET A 118 -15.82 30.62 8.47
N GLY A 119 -16.70 30.30 9.41
CA GLY A 119 -16.68 29.00 10.05
C GLY A 119 -16.54 29.10 11.56
N GLN A 120 -17.20 28.21 12.29
CA GLN A 120 -17.15 28.25 13.75
C GLN A 120 -16.45 27.05 14.35
N SER A 121 -16.91 25.83 14.10
CA SER A 121 -16.31 24.65 14.70
C SER A 121 -15.85 23.63 13.66
N SER A 122 -16.75 23.18 12.78
CA SER A 122 -16.43 22.06 11.91
C SER A 122 -15.40 22.43 10.86
N ALA A 123 -15.48 23.64 10.32
CA ALA A 123 -14.61 24.03 9.22
C ALA A 123 -14.33 25.52 9.27
N ARG A 124 -13.27 25.91 8.56
CA ARG A 124 -12.92 27.30 8.34
C ARG A 124 -12.64 27.50 6.85
N MET A 125 -13.43 28.34 6.20
CA MET A 125 -13.35 28.55 4.76
C MET A 125 -12.87 29.96 4.49
N LYS A 126 -11.66 30.08 3.93
CA LYS A 126 -11.13 31.37 3.49
C LYS A 126 -11.32 31.46 1.98
N LEU A 127 -12.31 32.24 1.55
CA LEU A 127 -12.67 32.34 0.15
C LEU A 127 -12.64 33.78 -0.32
N ASN A 128 -12.44 33.95 -1.62
CA ASN A 128 -12.61 35.26 -2.25
C ASN A 128 -14.09 35.52 -2.44
N TRP A 129 -14.55 36.69 -2.03
CA TRP A 129 -15.98 36.97 -1.97
C TRP A 129 -16.58 37.29 -3.34
N ALA A 130 -15.75 37.44 -4.37
CA ALA A 130 -16.27 37.77 -5.70
C ALA A 130 -17.15 36.65 -6.23
N VAL A 131 -16.74 35.39 -6.04
CA VAL A 131 -17.52 34.27 -6.52
C VAL A 131 -18.80 34.08 -5.72
N ALA A 132 -18.86 34.60 -4.48
CA ALA A 132 -20.06 34.48 -3.68
C ALA A 132 -21.18 35.35 -4.19
N ALA A 133 -20.86 36.44 -4.91
CA ALA A 133 -21.90 37.32 -5.44
C ALA A 133 -22.65 36.67 -6.58
N GLY A 134 -22.00 35.82 -7.35
CA GLY A 134 -22.62 35.18 -8.49
C GLY A 134 -22.28 35.88 -9.80
N ALA A 135 -22.29 35.11 -10.89
CA ALA A 135 -21.95 35.66 -12.19
C ALA A 135 -23.07 36.55 -12.73
N GLU A 136 -24.33 36.15 -12.51
CA GLU A 136 -25.46 36.87 -13.05
C GLU A 136 -26.39 37.45 -12.00
N ASP A 137 -26.33 36.99 -10.76
CA ASP A 137 -27.24 37.45 -9.72
C ASP A 137 -26.82 38.84 -9.26
N PRO A 138 -27.68 39.85 -9.37
CA PRO A 138 -27.33 41.19 -8.88
C PRO A 138 -27.59 41.40 -7.40
N GLY A 139 -28.19 40.43 -6.71
CA GLY A 139 -28.54 40.59 -5.32
C GLY A 139 -27.38 40.38 -4.37
N PRO A 140 -27.66 40.35 -3.08
CA PRO A 140 -26.61 40.13 -2.09
C PRO A 140 -25.98 38.75 -2.23
N ALA A 141 -24.69 38.67 -1.89
CA ALA A 141 -23.97 37.42 -1.98
C ALA A 141 -24.49 36.41 -0.96
N VAL A 142 -24.50 35.14 -1.36
CA VAL A 142 -24.96 34.05 -0.52
C VAL A 142 -23.87 32.99 -0.49
N ALA A 143 -23.47 32.57 0.71
CA ALA A 143 -22.50 31.50 0.87
C ALA A 143 -22.69 30.85 2.22
N GLY A 144 -22.41 29.55 2.29
CA GLY A 144 -22.59 28.84 3.54
C GLY A 144 -21.99 27.45 3.53
N ILE A 145 -21.82 26.92 4.74
CA ILE A 145 -21.25 25.60 4.98
C ILE A 145 -22.18 24.81 5.90
N LEU A 146 -22.48 23.57 5.53
CA LEU A 146 -23.31 22.67 6.31
C LEU A 146 -22.50 21.42 6.66
N SER A 147 -22.62 20.99 7.91
CA SER A 147 -21.89 19.84 8.43
C SER A 147 -22.87 18.94 9.16
N ILE A 148 -22.96 17.69 8.70
CA ILE A 148 -23.84 16.67 9.26
C ILE A 148 -23.02 15.42 9.54
N GLN A 149 -23.25 14.82 10.71
CA GLN A 149 -22.31 13.82 11.24
C GLN A 149 -22.65 12.39 10.84
N ASN A 150 -23.79 11.94 10.51
CA ASN A 150 -24.16 10.55 10.36
C ASN A 150 -24.68 10.20 8.96
N MET A 151 -24.07 10.83 7.92
CA MET A 151 -24.30 10.34 6.56
C MET A 151 -23.92 8.89 6.37
N THR A 152 -23.23 8.27 7.33
CA THR A 152 -23.02 6.84 7.31
C THR A 152 -24.33 6.06 7.28
N THR A 153 -25.42 6.66 7.77
CA THR A 153 -26.75 6.09 7.56
C THR A 153 -27.05 5.97 6.07
N LEU A 154 -26.60 6.94 5.27
CA LEU A 154 -26.88 6.96 3.84
C LEU A 154 -25.68 6.61 2.97
N LEU A 155 -24.46 6.96 3.38
CA LEU A 155 -23.28 6.78 2.55
C LEU A 155 -22.50 5.52 2.92
N ALA A 156 -23.20 4.49 3.42
CA ALA A 156 -22.54 3.23 3.73
C ALA A 156 -22.09 2.52 2.46
N ASN A 157 -20.70 1.79 2.60
CA ASN A 157 -20.11 1.08 1.46
C ASN A 157 -20.03 1.97 0.23
N ALA A 158 -19.76 3.28 0.39
CA ALA A 158 -19.62 4.22 -0.71
C ALA A 158 -18.47 3.82 -1.62
N SER A 159 -18.49 4.36 -2.83
CA SER A 159 -17.48 4.09 -3.84
C SER A 159 -16.60 5.31 -4.05
N LEU A 160 -15.32 5.08 -4.28
CA LEU A 160 -14.35 6.12 -4.61
C LEU A 160 -13.86 5.91 -6.03
N ASN A 161 -14.04 6.91 -6.88
CA ASN A 161 -13.57 6.86 -8.26
C ASN A 161 -12.18 7.52 -8.31
N LEU A 162 -11.16 6.71 -8.60
CA LEU A 162 -9.80 7.20 -8.70
C LEU A 162 -9.50 7.62 -10.13
N HIS A 163 -8.91 8.81 -10.30
CA HIS A 163 -8.55 9.31 -11.61
C HIS A 163 -7.42 8.47 -12.19
N SER A 164 -7.34 8.46 -13.53
CA SER A 164 -6.33 7.65 -14.21
C SER A 164 -4.92 8.04 -13.79
N LYS A 165 -4.61 9.34 -13.80
CA LYS A 165 -3.28 9.77 -13.36
C LYS A 165 -3.11 9.56 -11.86
N LYS A 166 -4.19 9.69 -11.09
CA LYS A 166 -4.13 9.37 -9.67
C LYS A 166 -3.85 7.89 -9.46
N GLN A 167 -4.48 7.02 -10.24
CA GLN A 167 -4.17 5.60 -10.17
C GLN A 167 -2.72 5.35 -10.53
N ALA A 168 -2.23 6.01 -11.58
CA ALA A 168 -0.85 5.80 -12.01
C ALA A 168 0.13 6.19 -10.91
N GLU A 169 -0.15 7.32 -10.24
CA GLU A 169 0.70 7.74 -9.13
C GLU A 169 0.63 6.75 -7.97
N LEU A 170 -0.58 6.27 -7.64
CA LEU A 170 -0.70 5.37 -6.50
C LEU A 170 0.02 4.05 -6.78
N GLU A 171 -0.15 3.50 -7.99
CA GLU A 171 0.55 2.27 -8.34
C GLU A 171 2.07 2.46 -8.40
N GLU A 172 2.54 3.64 -8.81
CA GLU A 172 3.98 3.93 -8.70
C GLU A 172 4.41 3.97 -7.24
N ILE A 173 3.57 4.49 -6.35
CA ILE A 173 3.91 4.53 -4.93
C ILE A 173 3.95 3.12 -4.35
N TYR A 174 2.98 2.28 -4.69
CA TYR A 174 2.86 0.95 -4.12
C TYR A 174 3.48 -0.16 -4.97
N GLU A 175 3.81 0.12 -6.23
CA GLU A 175 4.51 -0.82 -7.11
C GLU A 175 3.68 -2.06 -7.39
N SER A 176 2.35 -1.92 -7.42
CA SER A 176 1.46 -2.93 -8.01
C SER A 176 0.04 -2.36 -8.06
N SER A 177 -0.88 -3.21 -8.49
CA SER A 177 -2.28 -2.84 -8.70
C SER A 177 -3.01 -2.65 -7.37
N ILE A 178 -4.13 -1.95 -7.45
CA ILE A 178 -4.99 -1.68 -6.30
C ILE A 178 -6.30 -2.43 -6.52
N ARG A 179 -6.65 -3.30 -5.57
CA ARG A 179 -7.96 -3.96 -5.62
C ARG A 179 -9.09 -2.97 -5.40
N GLY A 180 -8.95 -2.05 -4.45
CA GLY A 180 -10.05 -1.15 -4.17
C GLY A 180 -9.74 -0.23 -3.02
N VAL A 181 -10.75 0.56 -2.64
CA VAL A 181 -10.64 1.50 -1.54
C VAL A 181 -11.77 1.26 -0.56
N GLN A 182 -11.45 1.18 0.73
CA GLN A 182 -12.46 1.18 1.78
C GLN A 182 -12.43 2.55 2.47
N LEU A 183 -13.61 3.13 2.65
CA LEU A 183 -13.76 4.54 2.99
C LEU A 183 -14.21 4.68 4.44
N ARG A 184 -13.42 5.41 5.23
CA ARG A 184 -13.77 5.77 6.61
C ARG A 184 -13.58 7.27 6.75
N ARG A 185 -14.68 8.02 6.74
CA ARG A 185 -14.55 9.47 6.78
C ARG A 185 -14.14 9.94 8.18
N LEU A 186 -13.65 11.17 8.25
CA LEU A 186 -13.30 11.80 9.52
C LEU A 186 -14.16 12.99 9.88
N SER A 187 -14.49 13.85 8.92
CA SER A 187 -15.18 15.09 9.21
C SER A 187 -16.68 14.94 9.00
N ALA A 188 -17.44 15.83 9.63
CA ALA A 188 -18.87 15.91 9.43
C ALA A 188 -19.27 16.90 8.36
N VAL A 189 -18.32 17.66 7.79
CA VAL A 189 -18.66 18.63 6.76
C VAL A 189 -19.28 17.93 5.57
N ASN A 190 -20.38 18.48 5.07
CA ASN A 190 -21.11 17.82 3.99
C ASN A 190 -21.59 18.75 2.88
N SER A 191 -21.46 20.06 3.01
CA SER A 191 -21.97 20.96 1.99
C SER A 191 -21.24 22.30 2.08
N ILE A 192 -20.72 22.78 0.95
CA ILE A 192 -20.23 24.15 0.87
C ILE A 192 -20.80 24.76 -0.41
N PHE A 193 -21.55 25.86 -0.26
CA PHE A 193 -22.29 26.38 -1.39
C PHE A 193 -22.16 27.89 -1.47
N LEU A 194 -22.43 28.41 -2.66
CA LEU A 194 -22.52 29.82 -2.99
C LEU A 194 -23.95 30.19 -3.37
N SER A 195 -24.13 31.43 -3.84
CA SER A 195 -25.45 31.91 -4.23
C SER A 195 -25.99 31.15 -5.44
N HIS A 196 -25.16 30.92 -6.45
CA HIS A 196 -25.61 30.27 -7.67
C HIS A 196 -25.16 28.81 -7.70
N ASN A 197 -25.84 28.02 -8.52
CA ASN A 197 -25.62 26.58 -8.59
C ASN A 197 -24.41 26.20 -9.43
N ASN A 198 -23.86 27.13 -10.21
CA ASN A 198 -22.72 26.83 -11.09
C ASN A 198 -21.43 27.03 -10.31
N THR A 199 -21.09 26.04 -9.50
CA THR A 199 -19.87 26.04 -8.70
C THR A 199 -18.96 24.87 -9.08
N LYS A 200 -19.07 24.39 -10.32
CA LYS A 200 -18.28 23.24 -10.74
C LYS A 200 -16.82 23.60 -10.99
N GLU A 201 -16.50 24.87 -11.13
CA GLU A 201 -15.13 25.31 -11.39
C GLU A 201 -14.91 26.66 -10.74
N LEU A 202 -13.75 26.82 -10.09
CA LEU A 202 -13.37 28.08 -9.48
C LEU A 202 -12.20 28.69 -10.25
N ASN A 203 -12.31 29.98 -10.56
CA ASN A 203 -11.21 30.69 -11.19
C ASN A 203 -10.01 30.84 -10.26
N SER A 204 -10.22 30.69 -8.95
CA SER A 204 -9.16 30.79 -7.97
C SER A 204 -9.40 29.73 -6.89
N PRO A 205 -8.37 28.97 -6.52
CA PRO A 205 -8.54 27.96 -5.47
C PRO A 205 -8.93 28.59 -4.14
N ILE A 206 -9.74 27.85 -3.37
CA ILE A 206 -10.20 28.28 -2.06
C ILE A 206 -9.69 27.31 -1.00
N LEU A 207 -9.17 27.87 0.09
CA LEU A 207 -8.60 27.11 1.20
C LEU A 207 -9.66 26.78 2.25
N PHE A 208 -9.64 25.54 2.72
CA PHE A 208 -10.52 25.07 3.78
C PHE A 208 -9.69 24.42 4.88
N ALA A 209 -10.17 24.58 6.11
CA ALA A 209 -9.57 23.96 7.31
C ALA A 209 -10.67 23.11 7.94
N PHE A 210 -10.68 21.82 7.61
CA PHE A 210 -11.73 20.93 8.06
C PHE A 210 -11.29 20.26 9.36
N SER A 211 -12.16 20.27 10.36
CA SER A 211 -11.90 19.53 11.60
C SER A 211 -12.76 18.29 11.67
N HIS A 212 -12.23 17.24 12.30
CA HIS A 212 -12.88 15.95 12.37
C HIS A 212 -13.37 15.69 13.80
N LEU A 213 -14.66 15.46 13.95
CA LEU A 213 -15.26 15.32 15.27
C LEU A 213 -14.98 13.92 15.83
N GLU A 214 -14.66 13.87 17.11
CA GLU A 214 -14.51 12.60 17.82
C GLU A 214 -15.82 12.27 18.54
N SER A 215 -16.33 11.06 18.30
CA SER A 215 -17.60 10.63 18.86
C SER A 215 -17.43 10.22 20.32
N SER A 216 -17.18 11.23 21.15
CA SER A 216 -17.04 11.03 22.58
C SER A 216 -18.42 10.94 23.24
N ASP A 217 -18.45 10.27 24.39
CA ASP A 217 -19.68 10.11 25.16
C ASP A 217 -19.78 11.10 26.31
N GLY A 218 -18.88 12.09 26.38
CA GLY A 218 -18.89 13.07 27.44
C GLY A 218 -19.82 14.24 27.12
N GLU A 219 -19.69 15.28 27.94
CA GLU A 219 -20.51 16.47 27.76
C GLU A 219 -20.09 17.22 26.50
N ALA A 220 -21.06 17.62 25.69
CA ALA A 220 -20.77 18.33 24.46
C ALA A 220 -20.34 19.76 24.76
N GLY A 221 -19.41 20.26 23.94
CA GLY A 221 -18.92 21.61 24.07
C GLY A 221 -17.73 21.77 25.00
N ARG A 222 -17.31 20.71 25.69
CA ARG A 222 -16.18 20.76 26.60
C ARG A 222 -15.02 19.88 26.16
N ASP A 223 -15.16 19.15 25.05
CA ASP A 223 -14.11 18.25 24.62
C ASP A 223 -12.89 19.03 24.12
N PRO A 224 -11.69 18.51 24.32
CA PRO A 224 -10.49 19.17 23.82
C PRO A 224 -10.37 19.03 22.31
N PRO A 225 -9.44 19.75 21.68
CA PRO A 225 -9.21 19.54 20.25
C PRO A 225 -8.77 18.12 19.95
N ALA A 226 -9.13 17.66 18.75
CA ALA A 226 -8.93 16.26 18.39
C ALA A 226 -7.45 15.91 18.32
N LYS A 227 -7.12 14.70 18.72
CA LYS A 227 -5.76 14.19 18.62
C LYS A 227 -5.53 13.65 17.21
N ASP A 228 -4.33 13.89 16.67
CA ASP A 228 -4.07 13.59 15.28
C ASP A 228 -3.98 12.08 15.05
N VAL A 229 -4.61 11.62 13.98
CA VAL A 229 -4.57 10.21 13.62
C VAL A 229 -3.26 9.91 12.91
N MET A 230 -2.59 8.86 13.34
CA MET A 230 -1.28 8.51 12.78
C MET A 230 -1.48 7.89 11.39
N PRO A 231 -0.89 8.45 10.34
CA PRO A 231 -1.13 7.92 8.99
C PRO A 231 -0.32 6.65 8.76
N GLY A 232 -0.98 5.64 8.21
CA GLY A 232 -0.34 4.36 7.96
C GLY A 232 0.25 4.24 6.58
N PRO A 233 0.93 3.13 6.32
CA PRO A 233 1.57 2.96 5.00
C PRO A 233 0.57 2.82 3.87
N ARG A 234 -0.48 2.03 4.06
CA ARG A 234 -1.43 1.70 3.01
C ARG A 234 -2.58 2.70 2.91
N GLN A 235 -2.53 3.78 3.66
CA GLN A 235 -3.60 4.78 3.67
C GLN A 235 -3.00 6.16 3.47
N GLU A 236 -3.76 7.00 2.78
CA GLU A 236 -3.43 8.42 2.65
C GLU A 236 -4.69 9.24 2.82
N LEU A 237 -4.52 10.51 3.16
CA LEU A 237 -5.62 11.36 3.60
C LEU A 237 -6.32 12.00 2.41
N LEU A 238 -7.64 11.93 2.39
CA LEU A 238 -8.43 12.40 1.25
C LEU A 238 -9.14 13.70 1.62
N CYS A 239 -8.97 14.72 0.76
CA CYS A 239 -9.81 15.92 0.80
C CYS A 239 -10.84 15.73 -0.31
N ALA A 240 -11.84 14.88 -0.05
CA ALA A 240 -12.71 14.41 -1.11
C ALA A 240 -14.00 15.23 -1.18
N PHE A 241 -14.73 15.01 -2.27
CA PHE A 241 -16.04 15.62 -2.46
C PHE A 241 -16.97 14.60 -3.11
N TRP A 242 -18.27 14.86 -2.97
CA TRP A 242 -19.30 13.99 -3.51
C TRP A 242 -19.68 14.46 -4.90
N LYS A 243 -19.59 13.58 -5.91
CA LYS A 243 -19.95 13.92 -7.27
C LYS A 243 -20.93 12.88 -7.78
N SER A 244 -21.99 13.33 -8.45
CA SER A 244 -22.97 12.40 -8.96
C SER A 244 -22.41 11.58 -10.12
N ASP A 245 -22.95 10.38 -10.27
CA ASP A 245 -22.57 9.44 -11.32
C ASP A 245 -23.84 8.95 -11.99
N SER A 246 -23.78 8.83 -13.33
CA SER A 246 -24.90 8.35 -14.11
C SER A 246 -25.14 6.86 -13.95
N ASP A 247 -24.12 6.10 -13.54
CA ASP A 247 -24.23 4.65 -13.47
C ASP A 247 -24.54 4.15 -12.07
N ARG A 248 -24.01 4.80 -11.03
CA ARG A 248 -24.23 4.32 -9.68
C ARG A 248 -24.76 5.41 -8.75
N GLY A 249 -25.39 6.46 -9.28
CA GLY A 249 -25.89 7.50 -8.40
C GLY A 249 -24.86 8.55 -8.09
N GLY A 250 -23.81 8.17 -7.38
CA GLY A 250 -22.76 9.11 -7.01
C GLY A 250 -21.54 8.38 -6.48
N HIS A 251 -20.46 9.13 -6.32
CA HIS A 251 -19.21 8.57 -5.84
C HIS A 251 -18.36 9.69 -5.24
N TRP A 252 -17.38 9.27 -4.43
CA TRP A 252 -16.39 10.20 -3.91
C TRP A 252 -15.32 10.46 -4.96
N ALA A 253 -14.77 11.68 -4.95
CA ALA A 253 -13.72 12.04 -5.88
C ALA A 253 -12.76 13.01 -5.18
N THR A 254 -11.54 13.07 -5.70
CA THR A 254 -10.49 13.86 -5.07
C THR A 254 -9.79 14.84 -6.00
N GLU A 255 -10.06 14.80 -7.30
CA GLU A 255 -9.37 15.67 -8.24
C GLU A 255 -9.73 17.13 -7.99
N GLY A 256 -8.78 18.01 -8.29
CA GLY A 256 -8.93 19.43 -8.04
C GLY A 256 -8.70 19.86 -6.61
N CYS A 257 -8.36 18.94 -5.71
CA CYS A 257 -8.11 19.26 -4.31
C CYS A 257 -6.77 18.65 -3.90
N GLN A 258 -6.12 19.27 -2.91
CA GLN A 258 -4.81 18.81 -2.47
C GLN A 258 -4.69 19.03 -0.96
N VAL A 259 -3.79 18.23 -0.36
CA VAL A 259 -3.54 18.29 1.08
C VAL A 259 -2.36 19.21 1.33
N LEU A 260 -2.47 20.06 2.34
CA LEU A 260 -1.40 20.98 2.71
C LEU A 260 -0.81 20.73 4.09
N GLY A 261 -1.60 20.27 5.06
CA GLY A 261 -1.09 20.04 6.39
C GLY A 261 -2.23 19.59 7.30
N SER A 262 -1.86 19.14 8.49
CA SER A 262 -2.86 18.66 9.44
C SER A 262 -2.28 18.73 10.83
N LYS A 263 -2.95 19.49 11.70
CA LYS A 263 -2.57 19.73 13.10
C LYS A 263 -3.74 20.37 13.82
N ASN A 264 -3.74 20.19 15.25
CA ASN A 264 -4.77 20.70 16.16
C ASN A 264 -6.15 20.16 15.80
N GLY A 265 -6.15 18.95 15.33
CA GLY A 265 -7.39 18.31 14.97
C GLY A 265 -7.94 18.80 13.65
N SER A 266 -7.11 19.39 12.80
CA SER A 266 -7.56 19.99 11.57
C SER A 266 -6.76 19.46 10.40
N THR A 267 -7.35 19.61 9.21
CA THR A 267 -6.73 19.29 7.93
C THR A 267 -6.94 20.46 6.98
N THR A 268 -5.87 20.91 6.36
CA THR A 268 -5.90 22.05 5.45
C THR A 268 -5.93 21.53 4.03
N CYS A 269 -6.91 21.98 3.26
CA CYS A 269 -7.11 21.55 1.88
C CYS A 269 -7.26 22.79 1.02
N GLN A 270 -6.90 22.65 -0.25
CA GLN A 270 -7.08 23.71 -1.23
C GLN A 270 -7.78 23.11 -2.43
N CYS A 271 -8.87 23.73 -2.88
CA CYS A 271 -9.65 23.13 -3.95
C CYS A 271 -9.93 24.14 -5.07
N SER A 272 -10.09 23.59 -6.28
CA SER A 272 -10.38 24.35 -7.48
C SER A 272 -11.85 24.41 -7.81
N SER A 273 -12.72 23.87 -6.95
CA SER A 273 -14.15 23.84 -7.20
C SER A 273 -14.86 23.80 -5.86
N LEU A 274 -16.19 23.85 -5.90
CA LEU A 274 -17.01 23.80 -4.69
C LEU A 274 -18.11 22.76 -4.85
N SER A 275 -18.18 21.85 -3.88
CA SER A 275 -19.17 20.78 -3.86
C SER A 275 -19.30 20.29 -2.42
N SER A 276 -19.95 19.15 -2.25
CA SER A 276 -20.06 18.53 -0.93
C SER A 276 -18.70 17.99 -0.53
N PHE A 277 -18.00 18.70 0.36
CA PHE A 277 -16.64 18.35 0.75
C PHE A 277 -16.65 17.58 2.06
N ALA A 278 -15.76 16.59 2.16
CA ALA A 278 -15.57 15.83 3.38
C ALA A 278 -14.17 15.22 3.38
N ILE A 279 -13.65 14.98 4.57
CA ILE A 279 -12.29 14.47 4.75
C ILE A 279 -12.39 12.98 5.04
N LEU A 280 -11.70 12.18 4.23
CA LEU A 280 -11.73 10.73 4.38
C LEU A 280 -10.39 10.16 4.84
N MET A 281 -10.48 9.13 5.67
CA MET A 281 -9.34 8.37 6.16
C MET A 281 -9.48 7.00 5.48
N ALA A 282 -8.99 6.91 4.25
CA ALA A 282 -9.39 5.85 3.34
C ALA A 282 -8.26 4.84 3.23
N HIS A 283 -8.56 3.59 3.58
CA HIS A 283 -7.58 2.52 3.52
C HIS A 283 -7.65 1.84 2.16
N TYR A 284 -6.51 1.65 1.52
CA TYR A 284 -6.52 1.09 0.18
C TYR A 284 -6.27 -0.41 0.27
N ASP A 285 -7.11 -1.18 -0.41
CA ASP A 285 -7.00 -2.63 -0.43
C ASP A 285 -6.16 -2.99 -1.65
N VAL A 286 -5.00 -3.61 -1.41
CA VAL A 286 -4.02 -3.89 -2.45
C VAL A 286 -3.47 -5.29 -2.21
N GLU A 287 -3.37 -6.06 -3.28
CA GLU A 287 -2.84 -7.41 -3.14
C GLU A 287 -1.33 -7.36 -3.02
N ASP A 288 -0.79 -8.29 -2.24
CA ASP A 288 0.64 -8.38 -2.02
C ASP A 288 1.19 -9.55 -2.81
N TRP A 289 2.38 -9.38 -3.38
CA TRP A 289 2.98 -10.46 -4.15
C TRP A 289 3.21 -11.66 -3.22
N LYS A 290 2.67 -12.80 -3.60
CA LYS A 290 2.74 -14.00 -2.79
C LYS A 290 3.27 -15.16 -3.61
N LEU A 291 4.10 -16.01 -2.99
CA LEU A 291 4.65 -17.15 -3.70
C LEU A 291 3.52 -18.09 -4.08
N THR A 292 3.61 -18.65 -5.28
CA THR A 292 2.60 -19.60 -5.73
C THR A 292 2.86 -20.95 -5.08
N LEU A 293 1.84 -21.84 -5.13
CA LEU A 293 1.99 -23.18 -4.59
C LEU A 293 3.11 -23.92 -5.31
N ILE A 294 3.20 -23.73 -6.63
CA ILE A 294 4.26 -24.35 -7.43
C ILE A 294 5.62 -24.00 -6.87
N THR A 295 5.87 -22.71 -6.65
CA THR A 295 7.16 -22.27 -6.13
C THR A 295 7.39 -22.77 -4.70
N ARG A 296 6.36 -22.76 -3.87
CA ARG A 296 6.53 -23.25 -2.50
C ARG A 296 6.89 -24.73 -2.50
N VAL A 297 6.23 -25.53 -3.33
CA VAL A 297 6.53 -26.96 -3.44
C VAL A 297 7.94 -27.17 -3.97
N GLY A 298 8.34 -26.40 -4.98
CA GLY A 298 9.68 -26.55 -5.52
C GLY A 298 10.75 -26.21 -4.50
N LEU A 299 10.54 -25.13 -3.74
CA LEU A 299 11.50 -24.77 -2.69
C LEU A 299 11.52 -25.82 -1.59
N ALA A 300 10.37 -26.41 -1.27
CA ALA A 300 10.34 -27.49 -0.29
C ALA A 300 11.14 -28.69 -0.78
N LEU A 301 11.01 -29.04 -2.07
CA LEU A 301 11.78 -30.15 -2.63
C LEU A 301 13.27 -29.86 -2.60
N SER A 302 13.66 -28.64 -2.96
CA SER A 302 15.06 -28.26 -2.90
C SER A 302 15.58 -28.32 -1.46
N LEU A 303 14.77 -27.88 -0.50
CA LEU A 303 15.15 -27.98 0.91
C LEU A 303 15.32 -29.43 1.33
N PHE A 304 14.45 -30.32 0.87
CA PHE A 304 14.59 -31.74 1.18
C PHE A 304 15.89 -32.30 0.62
N CYS A 305 16.21 -31.95 -0.63
CA CYS A 305 17.46 -32.43 -1.23
C CYS A 305 18.67 -31.90 -0.48
N LEU A 306 18.66 -30.61 -0.12
CA LEU A 306 19.77 -30.05 0.64
C LEU A 306 19.87 -30.64 2.04
N LEU A 307 18.74 -30.98 2.66
CA LEU A 307 18.79 -31.64 3.96
C LEU A 307 19.41 -33.03 3.84
N LEU A 308 19.05 -33.78 2.80
CA LEU A 308 19.70 -35.06 2.56
C LEU A 308 21.21 -34.88 2.35
N CYS A 309 21.59 -33.86 1.59
CA CYS A 309 23.00 -33.56 1.37
C CYS A 309 23.72 -33.29 2.69
N ILE A 310 23.13 -32.43 3.53
CA ILE A 310 23.79 -32.05 4.79
C ILE A 310 23.91 -33.25 5.71
N LEU A 311 22.85 -34.07 5.81
CA LEU A 311 22.94 -35.26 6.65
C LEU A 311 24.00 -36.23 6.15
N THR A 312 24.09 -36.41 4.82
CA THR A 312 25.10 -37.30 4.26
C THR A 312 26.51 -36.78 4.53
N PHE A 313 26.73 -35.48 4.33
CA PHE A 313 28.05 -34.90 4.56
C PHE A 313 28.41 -34.84 6.04
N LEU A 314 27.42 -34.88 6.94
CA LEU A 314 27.67 -34.90 8.36
C LEU A 314 27.92 -36.29 8.92
N LEU A 315 27.29 -37.32 8.33
CA LEU A 315 27.31 -38.65 8.92
C LEU A 315 28.21 -39.65 8.20
N VAL A 316 28.39 -39.52 6.88
CA VAL A 316 29.25 -40.45 6.16
C VAL A 316 30.71 -40.11 6.47
N ARG A 317 31.35 -40.92 7.31
CA ARG A 317 32.72 -40.70 7.77
C ARG A 317 33.79 -41.00 6.72
N PRO A 318 33.65 -42.02 5.84
CA PRO A 318 34.70 -42.23 4.83
C PRO A 318 34.96 -41.03 3.93
N ILE A 319 33.94 -40.22 3.60
CA ILE A 319 34.11 -39.16 2.62
C ILE A 319 34.63 -37.86 3.24
N GLN A 320 34.95 -37.85 4.53
CA GLN A 320 35.36 -36.62 5.21
C GLN A 320 36.61 -36.03 4.56
N GLY A 321 36.58 -34.72 4.35
CA GLY A 321 37.68 -34.03 3.70
C GLY A 321 37.31 -32.58 3.45
N SER A 322 38.27 -31.86 2.86
CA SER A 322 38.05 -30.46 2.53
C SER A 322 36.91 -30.29 1.53
N ARG A 323 36.87 -31.15 0.50
CA ARG A 323 35.79 -31.09 -0.47
C ARG A 323 34.44 -31.37 0.18
N THR A 324 34.38 -32.37 1.06
CA THR A 324 33.14 -32.68 1.76
C THR A 324 32.74 -31.56 2.71
N THR A 325 33.71 -30.93 3.38
CA THR A 325 33.42 -29.79 4.24
C THR A 325 32.85 -28.64 3.43
N ILE A 326 33.44 -28.35 2.27
CA ILE A 326 32.96 -27.27 1.42
C ILE A 326 31.56 -27.56 0.91
N HIS A 327 31.30 -28.80 0.47
CA HIS A 327 29.96 -29.16 0.03
C HIS A 327 28.95 -29.08 1.17
N LEU A 328 29.33 -29.55 2.36
CA LEU A 328 28.51 -29.42 3.55
C LEU A 328 28.09 -27.98 3.79
N HIS A 329 29.07 -27.07 3.80
CA HIS A 329 28.76 -25.70 4.15
C HIS A 329 28.03 -24.96 3.04
N LEU A 330 28.34 -25.26 1.78
CA LEU A 330 27.57 -24.69 0.67
C LEU A 330 26.11 -25.15 0.72
N CYS A 331 25.88 -26.44 1.00
CA CYS A 331 24.51 -26.93 1.15
C CYS A 331 23.84 -26.30 2.36
N ILE A 332 24.57 -26.07 3.44
CA ILE A 332 24.00 -25.41 4.61
C ILE A 332 23.56 -24.00 4.26
N CYS A 333 24.42 -23.26 3.55
CA CYS A 333 24.06 -21.90 3.15
C CYS A 333 22.87 -21.86 2.22
N LEU A 334 22.82 -22.78 1.25
CA LEU A 334 21.66 -22.86 0.36
C LEU A 334 20.40 -23.22 1.12
N PHE A 335 20.50 -24.15 2.08
CA PHE A 335 19.34 -24.55 2.88
C PHE A 335 18.82 -23.38 3.70
N VAL A 336 19.73 -22.64 4.35
CA VAL A 336 19.30 -21.50 5.16
C VAL A 336 18.71 -20.41 4.29
N GLY A 337 19.32 -20.16 3.12
CA GLY A 337 18.77 -19.16 2.22
C GLY A 337 17.39 -19.51 1.70
N SER A 338 17.19 -20.77 1.33
CA SER A 338 15.87 -21.20 0.85
C SER A 338 14.85 -21.19 1.98
N THR A 339 15.25 -21.56 3.20
CA THR A 339 14.32 -21.50 4.33
C THR A 339 13.91 -20.06 4.61
N ILE A 340 14.87 -19.13 4.58
CA ILE A 340 14.54 -17.72 4.79
C ILE A 340 13.67 -17.19 3.65
N PHE A 341 13.94 -17.64 2.43
CA PHE A 341 13.10 -17.24 1.30
C PHE A 341 11.67 -17.73 1.48
N LEU A 342 11.49 -18.98 1.89
CA LEU A 342 10.15 -19.50 2.10
C LEU A 342 9.45 -18.77 3.24
N ALA A 343 10.16 -18.54 4.34
CA ALA A 343 9.51 -18.03 5.55
C ALA A 343 9.32 -16.53 5.55
N GLY A 344 10.10 -15.77 4.79
CA GLY A 344 10.07 -14.33 4.96
C GLY A 344 10.24 -13.46 3.72
N ILE A 345 10.22 -14.05 2.52
CA ILE A 345 10.28 -13.20 1.33
C ILE A 345 8.97 -12.42 1.17
N GLU A 346 7.86 -13.00 1.62
CA GLU A 346 6.57 -12.36 1.50
C GLU A 346 6.46 -11.23 2.52
N ASN A 347 6.05 -10.06 2.06
CA ASN A 347 5.74 -8.94 2.94
C ASN A 347 4.24 -8.76 2.91
N GLU A 348 3.58 -9.16 3.99
CA GLU A 348 2.13 -9.29 4.00
C GLU A 348 1.45 -7.93 4.05
N GLY A 349 1.60 -7.15 2.98
CA GLY A 349 0.92 -5.87 2.88
C GLY A 349 1.28 -4.89 3.97
N GLY A 350 2.55 -4.78 4.30
CA GLY A 350 2.96 -3.87 5.35
C GLY A 350 4.11 -2.97 4.98
N GLN A 351 4.67 -2.28 5.97
CA GLN A 351 5.81 -1.41 5.75
C GLN A 351 7.09 -2.24 5.85
N VAL A 352 8.24 -1.59 5.67
CA VAL A 352 9.53 -2.28 5.73
C VAL A 352 9.98 -2.21 7.18
N GLY A 353 9.59 -3.22 7.96
CA GLY A 353 9.97 -3.29 9.35
C GLY A 353 11.35 -3.89 9.55
N LEU A 354 11.68 -4.12 10.82
CA LEU A 354 12.97 -4.72 11.16
C LEU A 354 13.07 -6.15 10.68
N ARG A 355 11.98 -6.92 10.79
CA ARG A 355 12.00 -8.31 10.33
C ARG A 355 12.27 -8.40 8.84
N CYS A 356 11.64 -7.54 8.04
CA CYS A 356 11.84 -7.57 6.60
C CYS A 356 13.28 -7.21 6.23
N ARG A 357 13.84 -6.20 6.89
CA ARG A 357 15.23 -5.80 6.64
C ARG A 357 16.20 -6.90 7.04
N LEU A 358 15.94 -7.55 8.18
CA LEU A 358 16.77 -8.68 8.59
C LEU A 358 16.67 -9.84 7.61
N VAL A 359 15.46 -10.12 7.10
CA VAL A 359 15.31 -11.19 6.13
C VAL A 359 16.10 -10.88 4.86
N ALA A 360 16.04 -9.64 4.40
CA ALA A 360 16.83 -9.25 3.23
C ALA A 360 18.33 -9.39 3.49
N GLY A 361 18.77 -8.98 4.69
CA GLY A 361 20.18 -9.10 5.02
C GLY A 361 20.66 -10.54 5.05
N LEU A 362 19.90 -11.42 5.70
CA LEU A 362 20.29 -12.83 5.74
C LEU A 362 20.17 -13.50 4.38
N LEU A 363 19.22 -13.08 3.53
CA LEU A 363 19.18 -13.60 2.18
C LEU A 363 20.42 -13.21 1.39
N HIS A 364 20.86 -11.96 1.51
CA HIS A 364 22.11 -11.54 0.87
C HIS A 364 23.30 -12.32 1.42
N TYR A 365 23.33 -12.51 2.74
CA TYR A 365 24.43 -13.25 3.35
C TYR A 365 24.47 -14.70 2.88
N CYS A 366 23.32 -15.36 2.81
CA CYS A 366 23.28 -16.76 2.36
C CYS A 366 23.67 -16.88 0.90
N PHE A 367 23.15 -15.99 0.04
CA PHE A 367 23.70 -15.80 -1.30
C PHE A 367 25.22 -15.77 -1.32
N LEU A 368 25.80 -14.78 -0.66
CA LEU A 368 27.24 -14.56 -0.77
C LEU A 368 28.02 -15.71 -0.16
N ALA A 369 27.48 -16.35 0.88
CA ALA A 369 28.17 -17.46 1.53
C ALA A 369 28.18 -18.70 0.65
N ALA A 370 27.04 -19.04 0.05
CA ALA A 370 27.03 -20.15 -0.89
C ALA A 370 27.94 -19.89 -2.08
N PHE A 371 27.95 -18.64 -2.57
CA PHE A 371 28.76 -18.32 -3.74
C PHE A 371 30.24 -18.40 -3.40
N CYS A 372 30.62 -17.91 -2.22
CA CYS A 372 32.01 -18.01 -1.76
C CYS A 372 32.42 -19.44 -1.43
N TRP A 373 31.48 -20.28 -1.00
CA TRP A 373 31.84 -21.68 -0.78
C TRP A 373 32.04 -22.42 -2.11
N MET A 374 31.26 -22.08 -3.13
CA MET A 374 31.53 -22.57 -4.48
C MET A 374 32.92 -22.11 -4.95
N SER A 375 33.24 -20.84 -4.70
CA SER A 375 34.56 -20.33 -5.06
C SER A 375 35.66 -21.05 -4.29
N LEU A 376 35.42 -21.38 -3.03
CA LEU A 376 36.39 -22.16 -2.26
C LEU A 376 36.59 -23.55 -2.84
N GLU A 377 35.50 -24.19 -3.29
CA GLU A 377 35.64 -25.50 -3.92
C GLU A 377 36.51 -25.41 -5.18
N GLY A 378 36.24 -24.39 -6.01
CA GLY A 378 37.11 -24.16 -7.16
C GLY A 378 38.55 -23.88 -6.77
N LEU A 379 38.77 -23.12 -5.70
CA LEU A 379 40.12 -22.80 -5.25
C LEU A 379 40.86 -24.03 -4.76
N GLU A 380 40.17 -24.93 -4.06
CA GLU A 380 40.84 -26.15 -3.61
C GLU A 380 41.12 -27.10 -4.76
N LEU A 381 40.24 -27.13 -5.78
CA LEU A 381 40.60 -27.86 -6.99
C LEU A 381 41.85 -27.28 -7.65
N TYR A 382 41.93 -25.95 -7.72
CA TYR A 382 43.11 -25.28 -8.24
C TYR A 382 44.36 -25.67 -7.45
N PHE A 383 44.27 -25.62 -6.12
CA PHE A 383 45.43 -25.94 -5.29
C PHE A 383 45.84 -27.40 -5.44
N LEU A 384 44.86 -28.29 -5.56
CA LEU A 384 45.18 -29.70 -5.77
C LEU A 384 45.90 -29.91 -7.10
N VAL A 385 45.42 -29.26 -8.17
CA VAL A 385 46.03 -29.48 -9.49
C VAL A 385 47.41 -28.84 -9.54
N VAL A 386 47.58 -27.65 -8.94
CA VAL A 386 48.85 -26.95 -9.02
C VAL A 386 49.95 -27.72 -8.31
N ARG A 387 49.66 -28.24 -7.12
CA ARG A 387 50.65 -29.00 -6.36
C ARG A 387 50.83 -30.43 -6.87
N VAL A 388 50.28 -30.75 -8.03
CA VAL A 388 50.41 -32.05 -8.69
C VAL A 388 49.98 -33.13 -7.68
N PHE A 389 48.84 -32.89 -7.03
CA PHE A 389 48.11 -33.89 -6.26
C PHE A 389 48.92 -34.47 -5.11
N GLN A 390 49.87 -33.70 -4.55
CA GLN A 390 50.50 -34.13 -3.31
C GLN A 390 49.51 -34.07 -2.15
N GLY A 391 48.99 -32.88 -1.86
CA GLY A 391 47.89 -32.78 -0.90
C GLY A 391 48.12 -31.81 0.24
N GLN A 392 47.59 -32.19 1.40
CA GLN A 392 47.43 -31.43 2.64
C GLN A 392 46.29 -30.42 2.55
N GLY A 393 45.71 -30.21 1.38
CA GLY A 393 44.49 -29.41 1.24
C GLY A 393 44.62 -28.03 1.82
N LEU A 394 43.55 -27.59 2.48
CA LEU A 394 43.55 -26.35 3.24
C LEU A 394 42.62 -26.55 4.43
N SER A 395 43.02 -26.04 5.59
CA SER A 395 42.33 -26.37 6.83
C SER A 395 40.89 -25.86 6.81
N THR A 396 40.02 -26.55 7.53
CA THR A 396 38.61 -26.16 7.57
C THR A 396 38.39 -24.85 8.30
N ARG A 397 39.33 -24.44 9.16
CA ARG A 397 39.15 -23.18 9.87
C ARG A 397 39.34 -21.98 8.94
N TRP A 398 40.32 -22.05 8.05
CA TRP A 398 40.45 -21.03 7.01
C TRP A 398 39.27 -21.05 6.05
N LEU A 399 38.76 -22.24 5.74
CA LEU A 399 37.59 -22.34 4.87
C LEU A 399 36.39 -21.66 5.50
N CYS A 400 36.14 -21.94 6.79
CA CYS A 400 35.03 -21.31 7.49
C CYS A 400 35.25 -19.83 7.72
N LEU A 401 36.51 -19.39 7.83
CA LEU A 401 36.78 -17.95 7.89
C LEU A 401 36.45 -17.27 6.57
N ILE A 402 36.94 -17.82 5.45
CA ILE A 402 36.69 -17.20 4.15
C ILE A 402 35.20 -17.23 3.82
N GLY A 403 34.63 -18.43 3.71
CA GLY A 403 33.28 -18.57 3.19
C GLY A 403 32.19 -18.01 4.09
N TYR A 404 32.49 -17.75 5.36
CA TYR A 404 31.54 -17.19 6.29
C TYR A 404 31.93 -15.80 6.78
N GLY A 405 33.12 -15.32 6.45
CA GLY A 405 33.52 -14.00 6.90
C GLY A 405 33.66 -12.98 5.79
N VAL A 406 34.09 -13.41 4.60
CA VAL A 406 34.03 -12.51 3.44
C VAL A 406 32.60 -12.09 3.14
N PRO A 407 31.61 -12.99 3.08
CA PRO A 407 30.21 -12.53 3.02
C PRO A 407 29.79 -11.68 4.19
N LEU A 408 30.25 -11.98 5.40
CA LEU A 408 29.90 -11.16 6.55
C LEU A 408 30.41 -9.74 6.39
N LEU A 409 31.65 -9.58 5.92
CA LEU A 409 32.21 -8.26 5.67
C LEU A 409 31.44 -7.53 4.58
N ILE A 410 31.14 -8.21 3.48
CA ILE A 410 30.45 -7.55 2.37
C ILE A 410 29.05 -7.10 2.79
N VAL A 411 28.31 -7.99 3.46
CA VAL A 411 26.94 -7.65 3.88
C VAL A 411 26.97 -6.58 4.95
N GLY A 412 27.91 -6.65 5.89
CA GLY A 412 28.01 -5.62 6.92
C GLY A 412 28.31 -4.25 6.33
N VAL A 413 29.26 -4.19 5.39
CA VAL A 413 29.60 -2.91 4.78
C VAL A 413 28.43 -2.37 3.98
N SER A 414 27.79 -3.22 3.19
CA SER A 414 26.67 -2.77 2.35
C SER A 414 25.50 -2.30 3.22
N ALA A 415 25.20 -3.01 4.30
CA ALA A 415 24.14 -2.59 5.20
C ALA A 415 24.53 -1.38 6.05
N ALA A 416 25.83 -1.13 6.22
CA ALA A 416 26.25 0.09 6.88
C ALA A 416 26.13 1.30 5.96
N ILE A 417 26.36 1.12 4.66
CA ILE A 417 26.18 2.21 3.72
C ILE A 417 24.72 2.30 3.30
N TYR A 418 24.21 1.26 2.66
CA TYR A 418 22.84 1.25 2.14
C TYR A 418 21.93 0.48 3.10
N SER A 419 21.74 1.07 4.29
CA SER A 419 20.80 0.48 5.23
C SER A 419 19.37 0.62 4.74
N LYS A 420 19.05 1.69 4.00
CA LYS A 420 17.71 1.89 3.47
C LYS A 420 17.43 1.01 2.26
N GLY A 421 18.47 0.44 1.64
CA GLY A 421 18.31 -0.39 0.45
C GLY A 421 17.93 -1.83 0.72
N TYR A 422 17.74 -2.21 1.98
CA TYR A 422 17.37 -3.56 2.35
C TYR A 422 15.87 -3.61 2.64
N GLY A 423 15.17 -4.54 1.99
CA GLY A 423 13.75 -4.68 2.17
C GLY A 423 12.94 -3.70 1.35
N ARG A 424 11.84 -4.16 0.79
CA ARG A 424 10.91 -3.36 0.01
C ARG A 424 9.50 -3.57 0.54
N PRO A 425 8.59 -2.63 0.28
CA PRO A 425 7.19 -2.82 0.70
C PRO A 425 6.52 -4.02 0.06
N ARG A 426 7.02 -4.49 -1.08
CA ARG A 426 6.43 -5.65 -1.74
C ARG A 426 7.06 -6.96 -1.28
N TYR A 427 8.39 -7.04 -1.28
CA TYR A 427 9.08 -8.27 -0.91
C TYR A 427 10.30 -7.90 -0.08
N CYS A 428 10.71 -8.82 0.78
CA CYS A 428 11.85 -8.61 1.67
C CYS A 428 13.11 -8.98 0.92
N TRP A 429 13.54 -8.07 0.05
CA TRP A 429 14.74 -8.25 -0.75
C TRP A 429 15.27 -6.87 -1.12
N LEU A 430 16.52 -6.83 -1.56
CA LEU A 430 17.22 -5.57 -1.75
C LEU A 430 16.53 -4.69 -2.79
N ASP A 431 16.54 -3.38 -2.53
CA ASP A 431 16.06 -2.38 -3.46
C ASP A 431 17.26 -1.71 -4.11
N PHE A 432 17.23 -1.59 -5.44
CA PHE A 432 18.42 -1.20 -6.20
C PHE A 432 18.36 0.26 -6.62
N GLU A 433 17.84 1.12 -5.76
CA GLU A 433 17.83 2.56 -5.98
C GLU A 433 19.05 3.19 -5.30
N GLN A 434 19.46 4.36 -5.81
CA GLN A 434 20.59 5.13 -5.29
C GLN A 434 21.89 4.33 -5.40
N GLY A 435 22.11 3.76 -6.59
CA GLY A 435 23.36 3.12 -6.91
C GLY A 435 23.67 1.87 -6.11
N PHE A 436 22.65 1.20 -5.58
CA PHE A 436 22.88 -0.05 -4.88
C PHE A 436 23.14 -1.20 -5.84
N LEU A 437 22.71 -1.07 -7.10
CA LEU A 437 22.92 -2.14 -8.08
C LEU A 437 24.40 -2.35 -8.32
N TRP A 438 25.16 -1.26 -8.50
CA TRP A 438 26.60 -1.37 -8.73
C TRP A 438 27.30 -1.95 -7.51
N SER A 439 26.94 -1.49 -6.31
CA SER A 439 27.59 -1.99 -5.10
C SER A 439 27.20 -3.42 -4.78
N PHE A 440 26.08 -3.91 -5.32
CA PHE A 440 25.71 -5.30 -5.14
C PHE A 440 26.32 -6.20 -6.20
N LEU A 441 26.48 -5.70 -7.41
CA LEU A 441 27.11 -6.47 -8.48
C LEU A 441 28.63 -6.39 -8.45
N GLY A 442 29.20 -5.49 -7.64
CA GLY A 442 30.63 -5.38 -7.50
C GLY A 442 31.27 -6.64 -6.98
N PRO A 443 30.99 -7.00 -5.72
CA PRO A 443 31.54 -8.25 -5.18
C PRO A 443 31.11 -9.48 -5.96
N VAL A 444 29.88 -9.52 -6.46
CA VAL A 444 29.41 -10.68 -7.20
C VAL A 444 30.21 -10.86 -8.49
N THR A 445 30.37 -9.77 -9.27
CA THR A 445 31.14 -9.87 -10.50
C THR A 445 32.61 -10.10 -10.22
N PHE A 446 33.15 -9.55 -9.12
CA PHE A 446 34.54 -9.81 -8.77
C PHE A 446 34.78 -11.28 -8.44
N ILE A 447 33.85 -11.89 -7.71
CA ILE A 447 34.02 -13.30 -7.38
C ILE A 447 33.72 -14.19 -8.59
N ILE A 448 32.85 -13.74 -9.50
CA ILE A 448 32.71 -14.41 -10.80
C ILE A 448 34.02 -14.37 -11.57
N LEU A 449 34.69 -13.22 -11.59
CA LEU A 449 35.98 -13.13 -12.27
C LEU A 449 37.02 -14.03 -11.63
N CYS A 450 37.05 -14.07 -10.29
CA CYS A 450 37.99 -14.95 -9.60
C CYS A 450 37.71 -16.41 -9.91
N ASN A 451 36.43 -16.80 -9.93
CA ASN A 451 36.07 -18.17 -10.26
C ASN A 451 36.45 -18.52 -11.69
N ALA A 452 36.19 -17.61 -12.63
CA ALA A 452 36.56 -17.86 -14.02
C ALA A 452 38.07 -18.00 -14.17
N VAL A 453 38.83 -17.13 -13.50
CA VAL A 453 40.29 -17.22 -13.55
C VAL A 453 40.76 -18.56 -12.98
N ILE A 454 40.20 -18.94 -11.83
CA ILE A 454 40.58 -20.20 -11.18
C ILE A 454 40.27 -21.38 -12.09
N PHE A 455 39.10 -21.40 -12.71
CA PHE A 455 38.70 -22.53 -13.53
C PHE A 455 39.49 -22.61 -14.83
N VAL A 456 39.75 -21.47 -15.48
CA VAL A 456 40.55 -21.51 -16.71
C VAL A 456 41.99 -21.89 -16.39
N THR A 457 42.52 -21.43 -15.26
CA THR A 457 43.88 -21.82 -14.89
C THR A 457 43.96 -23.30 -14.55
N THR A 458 42.94 -23.83 -13.86
CA THR A 458 42.91 -25.25 -13.54
C THR A 458 42.80 -26.10 -14.80
N VAL A 459 41.95 -25.70 -15.75
CA VAL A 459 41.83 -26.43 -17.00
C VAL A 459 43.14 -26.37 -17.79
N TRP A 460 43.76 -25.19 -17.85
CA TRP A 460 45.04 -25.07 -18.56
C TRP A 460 46.12 -25.94 -17.92
N LYS A 461 46.15 -25.98 -16.59
CA LYS A 461 47.12 -26.84 -15.90
C LYS A 461 46.85 -28.31 -16.16
N LEU A 462 45.57 -28.71 -16.17
CA LEU A 462 45.23 -30.11 -16.42
C LEU A 462 45.47 -30.52 -17.87
N THR A 463 45.46 -29.57 -18.80
CA THR A 463 45.74 -29.90 -20.20
C THR A 463 47.23 -30.05 -20.48
N GLN A 464 48.09 -29.72 -19.54
CA GLN A 464 49.53 -29.88 -19.72
C GLN A 464 50.14 -30.82 -18.70
N LYS A 581 39.97 -37.52 -13.68
CA LYS A 581 39.19 -37.51 -12.45
C LYS A 581 39.15 -36.11 -11.86
N ALA A 582 40.22 -35.34 -12.07
CA ALA A 582 40.23 -33.95 -11.65
C ALA A 582 39.68 -33.01 -12.71
N ARG A 583 39.76 -33.39 -13.99
CA ARG A 583 39.03 -32.67 -15.02
C ARG A 583 37.53 -32.85 -14.85
N ALA A 584 37.11 -34.05 -14.46
CA ALA A 584 35.70 -34.28 -14.18
C ALA A 584 35.23 -33.44 -12.99
N LEU A 585 36.05 -33.33 -11.95
CA LEU A 585 35.72 -32.45 -10.83
C LEU A 585 35.66 -30.99 -11.25
N THR A 586 36.60 -30.55 -12.11
CA THR A 586 36.54 -29.16 -12.59
C THR A 586 35.29 -28.90 -13.42
N ILE A 587 34.92 -29.85 -14.28
CA ILE A 587 33.70 -29.70 -15.08
C ILE A 587 32.48 -29.67 -14.19
N THR A 588 32.43 -30.55 -13.18
CA THR A 588 31.30 -30.56 -12.25
C THR A 588 31.20 -29.25 -11.48
N ALA A 589 32.33 -28.72 -11.03
CA ALA A 589 32.33 -27.45 -10.33
C ALA A 589 31.88 -26.30 -11.23
N ILE A 590 32.32 -26.30 -12.49
CA ILE A 590 31.90 -25.26 -13.43
C ILE A 590 30.40 -25.35 -13.69
N ALA A 591 29.88 -26.56 -13.90
CA ALA A 591 28.45 -26.73 -14.13
C ALA A 591 27.64 -26.34 -12.89
N GLN A 592 28.15 -26.65 -11.70
CA GLN A 592 27.45 -26.28 -10.47
C GLN A 592 27.45 -24.77 -10.26
N LEU A 593 28.57 -24.11 -10.56
CA LEU A 593 28.61 -22.65 -10.51
C LEU A 593 27.63 -22.04 -11.50
N PHE A 594 27.57 -22.58 -12.72
CA PHE A 594 26.63 -22.07 -13.71
C PHE A 594 25.19 -22.27 -13.26
N LEU A 595 24.89 -23.43 -12.68
CA LEU A 595 23.53 -23.69 -12.22
C LEU A 595 23.15 -22.75 -11.09
N LEU A 596 24.04 -22.53 -10.12
CA LEU A 596 23.77 -21.61 -9.04
C LEU A 596 23.58 -20.19 -9.54
N GLY A 597 24.44 -19.74 -10.46
CA GLY A 597 24.31 -18.40 -11.00
C GLY A 597 23.03 -18.20 -11.78
N CYS A 598 22.67 -19.19 -12.60
CA CYS A 598 21.42 -19.11 -13.36
C CYS A 598 20.22 -19.09 -12.43
N THR A 599 20.27 -19.91 -11.37
CA THR A 599 19.18 -19.93 -10.41
C THR A 599 19.02 -18.58 -9.72
N TRP A 600 20.13 -17.97 -9.30
CA TRP A 600 20.05 -16.67 -8.65
CA TRP A 600 20.05 -16.67 -8.65
C TRP A 600 19.56 -15.59 -9.62
N VAL A 601 20.07 -15.60 -10.85
CA VAL A 601 19.66 -14.60 -11.83
C VAL A 601 18.18 -14.71 -12.12
N PHE A 602 17.68 -15.93 -12.30
CA PHE A 602 16.25 -16.07 -12.45
C PHE A 602 15.51 -15.89 -11.14
N GLY A 603 16.22 -15.86 -10.01
CA GLY A 603 15.60 -15.54 -8.74
C GLY A 603 15.46 -14.07 -8.48
N LEU A 604 16.03 -13.25 -9.36
CA LEU A 604 15.88 -11.81 -9.24
C LEU A 604 14.75 -11.25 -10.07
N PHE A 605 14.27 -11.98 -11.07
CA PHE A 605 13.24 -11.50 -11.98
C PHE A 605 11.88 -12.16 -11.76
N ILE A 606 11.68 -12.85 -10.64
CA ILE A 606 10.38 -13.43 -10.34
C ILE A 606 9.42 -12.40 -9.76
N PHE A 607 9.94 -11.40 -9.04
CA PHE A 607 9.10 -10.35 -8.46
C PHE A 607 8.55 -9.40 -9.51
N ASP A 608 9.38 -8.99 -10.48
CA ASP A 608 8.95 -7.99 -11.47
C ASP A 608 7.83 -8.49 -12.38
N ASP A 609 7.90 -9.72 -12.86
CA ASP A 609 7.12 -10.11 -14.03
C ASP A 609 5.65 -10.26 -13.71
N ARG A 610 4.79 -9.67 -14.57
CA ARG A 610 3.34 -9.76 -14.38
C ARG A 610 2.84 -11.19 -14.51
N SER A 611 3.36 -11.92 -15.50
CA SER A 611 2.98 -13.31 -15.73
C SER A 611 4.10 -14.14 -15.13
N LEU A 612 3.76 -15.00 -14.17
CA LEU A 612 4.80 -15.75 -13.46
C LEU A 612 5.21 -17.01 -14.22
N VAL A 613 5.70 -16.79 -15.44
CA VAL A 613 6.27 -17.89 -16.20
C VAL A 613 7.75 -18.06 -15.92
N LEU A 614 8.43 -17.00 -15.49
CA LEU A 614 9.83 -17.07 -15.08
C LEU A 614 9.97 -17.72 -13.71
N THR A 615 8.94 -17.63 -12.88
CA THR A 615 8.92 -18.39 -11.64
C THR A 615 8.92 -19.89 -11.89
N TYR A 616 8.30 -20.35 -12.97
CA TYR A 616 8.43 -21.75 -13.37
C TYR A 616 9.89 -22.12 -13.59
N VAL A 617 10.62 -21.27 -14.30
CA VAL A 617 12.04 -21.51 -14.56
C VAL A 617 12.86 -21.48 -13.27
N PHE A 618 12.55 -20.53 -12.38
CA PHE A 618 13.26 -20.45 -11.11
C PHE A 618 12.98 -21.67 -10.23
N THR A 619 11.73 -22.14 -10.20
CA THR A 619 11.38 -23.34 -9.45
C THR A 619 12.12 -24.56 -10.02
N ILE A 620 12.12 -24.68 -11.34
CA ILE A 620 12.81 -25.80 -11.99
C ILE A 620 14.30 -25.73 -11.73
N LEU A 621 14.86 -24.51 -11.70
CA LEU A 621 16.27 -24.34 -11.41
C LEU A 621 16.61 -24.71 -9.98
N ASN A 622 15.76 -24.37 -9.02
CA ASN A 622 15.96 -24.83 -7.65
C ASN A 622 15.90 -26.35 -7.54
N CYS A 623 14.91 -26.95 -8.20
CA CYS A 623 14.79 -28.41 -8.19
C CYS A 623 16.01 -29.08 -8.81
N LEU A 624 16.47 -28.55 -9.94
CA LEU A 624 17.65 -29.09 -10.61
C LEU A 624 18.90 -28.84 -9.79
N GLN A 625 18.98 -27.73 -9.07
CA GLN A 625 20.13 -27.47 -8.20
C GLN A 625 20.21 -28.49 -7.08
N GLY A 626 19.09 -28.72 -6.39
CA GLY A 626 19.07 -29.74 -5.35
C GLY A 626 19.37 -31.12 -5.87
N ALA A 627 18.75 -31.50 -7.00
CA ALA A 627 19.01 -32.79 -7.60
C ALA A 627 20.44 -32.94 -8.06
N PHE A 628 21.01 -31.88 -8.65
CA PHE A 628 22.40 -31.89 -9.09
C PHE A 628 23.34 -32.10 -7.91
N LEU A 629 23.13 -31.35 -6.83
CA LEU A 629 24.01 -31.48 -5.67
C LEU A 629 23.91 -32.88 -5.10
N TYR A 630 22.70 -33.37 -4.87
CA TYR A 630 22.54 -34.68 -4.25
C TYR A 630 23.06 -35.80 -5.15
N LEU A 631 22.77 -35.73 -6.45
CA LEU A 631 23.19 -36.79 -7.36
C LEU A 631 24.70 -36.80 -7.55
N LEU A 632 25.29 -35.65 -7.88
CA LEU A 632 26.71 -35.61 -8.19
C LEU A 632 27.55 -35.83 -6.95
N HIS A 633 27.14 -35.28 -5.80
CA HIS A 633 27.98 -35.33 -4.61
C HIS A 633 27.66 -36.47 -3.68
N CYS A 634 26.43 -36.98 -3.70
CA CYS A 634 26.04 -38.07 -2.81
C CYS A 634 25.64 -39.34 -3.55
N LEU A 635 24.71 -39.27 -4.49
CA LEU A 635 24.20 -40.48 -5.12
C LEU A 635 25.23 -41.13 -6.03
N LEU A 636 25.88 -40.34 -6.89
CA LEU A 636 26.90 -40.90 -7.76
C LEU A 636 28.16 -41.31 -6.99
N ASN A 637 28.32 -40.85 -5.75
CA ASN A 637 29.41 -41.31 -4.92
C ASN A 637 29.20 -42.77 -4.53
N LYS A 638 30.29 -43.54 -4.50
CA LYS A 638 30.23 -44.95 -4.16
C LYS A 638 30.36 -45.19 -2.66
N LYS A 639 31.25 -44.46 -2.00
CA LYS A 639 31.37 -44.57 -0.54
C LYS A 639 30.10 -44.13 0.15
N VAL A 640 29.42 -43.12 -0.40
CA VAL A 640 28.15 -42.67 0.17
C VAL A 640 27.11 -43.77 0.07
N ARG A 641 27.02 -44.44 -1.07
CA ARG A 641 26.06 -45.52 -1.24
C ARG A 641 26.38 -46.70 -0.33
N GLU A 642 27.66 -47.03 -0.19
CA GLU A 642 28.06 -48.10 0.72
C GLU A 642 27.71 -47.75 2.17
N GLU A 643 27.93 -46.50 2.56
CA GLU A 643 27.53 -46.07 3.91
C GLU A 643 26.02 -46.13 4.08
N TYR A 644 25.28 -45.78 3.03
CA TYR A 644 23.82 -45.86 3.07
C TYR A 644 23.36 -47.29 3.33
N ARG A 645 23.89 -48.24 2.55
CA ARG A 645 23.44 -49.62 2.74
C ARG A 645 23.95 -50.19 4.05
N LYS A 646 25.08 -49.69 4.55
CA LYS A 646 25.53 -50.06 5.89
C LYS A 646 24.53 -49.61 6.95
N TRP A 647 24.06 -48.36 6.83
CA TRP A 647 23.06 -47.86 7.77
C TRP A 647 21.75 -48.64 7.66
N ALA A 648 21.33 -48.96 6.44
CA ALA A 648 20.05 -49.61 6.20
C ALA A 648 20.13 -51.12 6.33
N CYS A 649 21.26 -51.67 6.71
CA CYS A 649 21.40 -53.11 6.88
C CYS A 649 20.78 -53.56 8.19
C1 NAG B . -19.39 -3.26 2.68
C2 NAG B . -19.39 -3.30 4.21
C3 NAG B . -19.38 -4.77 4.67
C4 NAG B . -20.60 -5.48 4.08
C5 NAG B . -20.56 -5.36 2.55
C6 NAG B . -21.80 -6.01 1.96
C7 NAG B . -18.18 -1.29 4.88
C8 NAG B . -16.95 -0.59 5.39
N2 NAG B . -18.18 -2.63 4.71
O3 NAG B . -19.45 -4.81 6.10
O4 NAG B . -20.56 -6.86 4.45
O5 NAG B . -20.53 -3.97 2.19
O6 NAG B . -21.72 -6.00 0.54
O7 NAG B . -19.17 -0.65 4.61
C1 NAG C . -25.16 7.26 13.85
C2 NAG C . -24.24 6.55 14.84
C3 NAG C . -24.18 5.06 14.50
C4 NAG C . -25.60 4.49 14.51
C5 NAG C . -26.46 5.27 13.52
C6 NAG C . -27.91 4.75 13.57
C7 NAG C . -22.59 8.24 15.47
C8 NAG C . -21.21 8.83 15.39
N2 NAG C . -22.90 7.13 14.76
O3 NAG C . -23.38 4.38 15.46
O4 NAG C . -25.56 3.12 14.12
O5 NAG C . -26.45 6.66 13.88
O6 NAG C . -28.68 5.40 12.58
O7 NAG C . -23.44 8.76 16.17
C1 NAG D . -1.89 22.76 18.56
C2 NAG D . -1.67 23.57 19.84
C3 NAG D . -0.29 24.22 19.80
C4 NAG D . 0.77 23.13 19.61
C5 NAG D . 0.47 22.34 18.34
C6 NAG D . 1.49 21.21 18.18
C7 NAG D . -3.90 24.32 20.48
C8 NAG D . -4.96 25.38 20.58
N2 NAG D . -2.70 24.61 19.94
O3 NAG D . -0.05 24.91 21.03
O4 NAG D . 2.06 23.73 19.51
O5 NAG D . -0.85 21.79 18.43
O6 NAG D . 1.28 20.54 16.93
O7 NAG D . -4.13 23.19 20.87
#